data_8AEC
#
_entry.id   8AEC
#
_cell.length_a   58.578
_cell.length_b   45.706
_cell.length_c   63.503
_cell.angle_alpha   90.000
_cell.angle_beta   111.410
_cell.angle_gamma   90.000
#
_symmetry.space_group_name_H-M   'P 1 21 1'
#
loop_
_entity.id
_entity.type
_entity.pdbx_description
1 polymer 'Casein kinase II subunit alpha'
2 non-polymer "ADENOSINE-5'-TRIPHOSPHATE"
3 non-polymer 'ACETATE ION'
4 non-polymer 2-(5-bromanyl-6-chloranyl-1H-indazol-3-yl)ethanenitrile
5 non-polymer 'PHOSPHATE ION'
6 water water
#
_entity_poly.entity_id   1
_entity_poly.type   'polypeptide(L)'
_entity_poly.pdbx_seq_one_letter_code
;SGPVPSRARVYTDVNTHRPSEYWDYESHVVEWGNQDDYQLVRKLGRGKYSEVFEAINITNNEKVVVKILKPVAAAKIKRE
IKILENLRGGPNIITLADIVKDPVSRTPALVFEHVNNTDFKQLYQTLTDYDIRFYMYEILKALDYCHSMGIMHRDVKPHN
VMIDHEHRKLRLIDWGLAEFYHPGQEYNVRVASRYFKGPELLVDYQMYDYSLDMWSLGCMLASMIFRKEPFFHGHDNYDQ
LVRIAKVLGTEDLYDYIDKYNIELDPRFNDILGRHSRKRWERFVHSENQHLVSPEALDFLDKLLRYDHQSRLTAREAMEH
PYFYTVVK
;
_entity_poly.pdbx_strand_id   A
#
loop_
_chem_comp.id
_chem_comp.type
_chem_comp.name
_chem_comp.formula
ACT non-polymer 'ACETATE ION' 'C2 H3 O2 -1'
ATP non-polymer ADENOSINE-5'-TRIPHOSPHATE 'C10 H16 N5 O13 P3'
LW3 non-polymer 2-(5-bromanyl-6-chloranyl-1H-indazol-3-yl)ethanenitrile 'C9 H5 Br Cl N3'
PO4 non-polymer 'PHOSPHATE ION' 'O4 P -3'
#
# COMPACT_ATOMS: atom_id res chain seq x y z
N GLY A 2 -23.22 17.83 -6.20
CA GLY A 2 -22.30 16.72 -6.42
C GLY A 2 -21.51 16.36 -5.17
N PRO A 3 -20.46 15.52 -5.26
CA PRO A 3 -19.69 15.20 -4.04
C PRO A 3 -19.00 16.39 -3.40
N VAL A 4 -18.91 16.38 -2.09
CA VAL A 4 -18.21 17.37 -1.29
C VAL A 4 -16.69 17.10 -1.50
N PRO A 5 -15.85 18.14 -1.71
N PRO A 5 -15.83 18.15 -1.64
CA PRO A 5 -14.39 17.92 -1.81
CA PRO A 5 -14.39 17.91 -1.80
C PRO A 5 -13.76 17.44 -0.50
C PRO A 5 -13.72 17.51 -0.50
N SER A 6 -12.55 16.97 -0.67
CA SER A 6 -11.75 16.49 0.46
C SER A 6 -10.28 16.81 0.21
N ARG A 7 -9.53 17.03 1.28
CA ARG A 7 -8.06 17.14 1.15
C ARG A 7 -7.42 16.40 2.32
N ALA A 8 -6.17 16.03 2.12
CA ALA A 8 -5.42 15.37 3.19
C ALA A 8 -5.28 16.33 4.38
N ARG A 9 -5.19 15.76 5.56
CA ARG A 9 -4.98 16.56 6.80
C ARG A 9 -3.50 16.79 7.08
N VAL A 10 -2.62 16.13 6.31
CA VAL A 10 -1.15 16.27 6.46
C VAL A 10 -0.53 16.27 5.07
N TYR A 11 0.63 16.95 4.94
CA TYR A 11 1.43 17.01 3.69
C TYR A 11 0.52 17.43 2.53
N THR A 12 -0.32 18.42 2.78
N THR A 12 -0.32 18.41 2.78
CA THR A 12 -1.33 18.82 1.82
CA THR A 12 -1.33 18.81 1.79
C THR A 12 -0.69 19.52 0.64
C THR A 12 -0.68 19.53 0.64
N ASP A 13 0.21 20.45 0.91
N ASP A 13 0.22 20.45 0.92
CA ASP A 13 0.81 21.20 -0.21
CA ASP A 13 0.81 21.18 -0.22
C ASP A 13 2.30 20.96 -0.44
C ASP A 13 2.30 20.97 -0.44
N VAL A 14 2.78 19.76 -0.17
CA VAL A 14 4.22 19.45 -0.39
C VAL A 14 4.56 19.63 -1.87
N ASN A 15 3.67 19.24 -2.79
CA ASN A 15 3.98 19.35 -4.26
C ASN A 15 3.95 20.78 -4.78
N THR A 16 3.06 21.62 -4.25
CA THR A 16 3.03 23.04 -4.69
C THR A 16 4.33 23.75 -4.33
N HIS A 17 5.03 23.31 -3.28
CA HIS A 17 6.25 24.02 -2.80
C HIS A 17 7.54 23.43 -3.38
N ARG A 18 7.43 22.42 -4.23
CA ARG A 18 8.64 21.85 -4.88
C ARG A 18 8.76 22.40 -6.30
N PRO A 19 9.97 22.47 -6.88
CA PRO A 19 10.11 22.89 -8.27
C PRO A 19 9.21 21.96 -9.11
N SER A 20 8.62 22.47 -10.18
CA SER A 20 7.69 21.67 -11.01
C SER A 20 8.35 20.36 -11.46
N GLU A 21 9.68 20.37 -11.68
CA GLU A 21 10.41 19.18 -12.14
C GLU A 21 10.18 18.00 -11.19
N TYR A 22 9.90 18.29 -9.91
CA TYR A 22 9.71 17.22 -8.90
C TYR A 22 8.50 16.34 -9.24
N TRP A 23 7.37 16.96 -9.62
CA TRP A 23 6.11 16.18 -9.83
C TRP A 23 5.66 16.14 -11.29
N ASP A 24 6.18 17.04 -12.13
CA ASP A 24 5.83 17.05 -13.58
C ASP A 24 6.63 15.94 -14.24
N TYR A 25 6.21 14.70 -14.01
CA TYR A 25 6.97 13.55 -14.45
C TYR A 25 7.09 13.45 -15.99
N GLU A 26 6.11 13.97 -16.74
CA GLU A 26 6.16 13.92 -18.22
C GLU A 26 7.29 14.75 -18.80
N SER A 27 7.71 15.79 -18.08
CA SER A 27 8.82 16.64 -18.53
C SER A 27 10.17 16.06 -18.19
N HIS A 28 10.22 14.96 -17.39
CA HIS A 28 11.47 14.33 -16.99
C HIS A 28 12.23 13.68 -18.16
N VAL A 29 13.55 13.93 -18.24
CA VAL A 29 14.39 13.32 -19.27
C VAL A 29 15.08 12.11 -18.61
N VAL A 30 14.76 10.90 -19.09
CA VAL A 30 15.32 9.67 -18.54
C VAL A 30 16.80 9.53 -18.86
N GLU A 31 17.62 9.22 -17.84
CA GLU A 31 19.04 8.93 -18.01
C GLU A 31 19.13 7.40 -18.19
N TRP A 32 19.56 6.94 -19.37
CA TRP A 32 19.66 5.52 -19.69
C TRP A 32 21.02 4.95 -19.39
N GLY A 33 21.03 3.78 -18.77
CA GLY A 33 22.23 3.01 -18.45
C GLY A 33 22.54 2.03 -19.55
N ASN A 34 23.49 1.13 -19.32
CA ASN A 34 23.90 0.13 -20.29
C ASN A 34 23.28 -1.23 -20.02
N GLN A 35 22.39 -1.67 -20.93
CA GLN A 35 21.73 -2.98 -20.78
C GLN A 35 22.73 -4.15 -20.65
N ASP A 36 23.95 -4.03 -21.24
CA ASP A 36 24.98 -5.09 -21.19
C ASP A 36 25.57 -5.32 -19.79
N ASP A 37 25.31 -4.38 -18.84
CA ASP A 37 25.78 -4.54 -17.46
C ASP A 37 24.98 -5.63 -16.74
N TYR A 38 23.81 -6.03 -17.30
CA TYR A 38 22.94 -6.97 -16.63
C TYR A 38 22.74 -8.22 -17.41
N GLN A 39 22.96 -9.34 -16.75
CA GLN A 39 22.75 -10.65 -17.35
C GLN A 39 21.53 -11.28 -16.71
N LEU A 40 20.48 -11.58 -17.52
CA LEU A 40 19.30 -12.22 -16.96
C LEU A 40 19.61 -13.64 -16.51
N VAL A 41 19.12 -14.03 -15.34
CA VAL A 41 19.38 -15.34 -14.77
C VAL A 41 18.12 -16.22 -14.84
N ARG A 42 17.00 -15.73 -14.34
CA ARG A 42 15.76 -16.50 -14.33
C ARG A 42 14.56 -15.60 -14.20
N LYS A 43 13.47 -16.02 -14.80
CA LYS A 43 12.23 -15.27 -14.72
C LYS A 43 11.61 -15.52 -13.36
N LEU A 44 11.27 -14.43 -12.64
CA LEU A 44 10.62 -14.54 -11.35
C LEU A 44 9.11 -14.45 -11.41
N GLY A 45 8.59 -13.76 -12.41
CA GLY A 45 7.15 -13.63 -12.56
C GLY A 45 6.78 -12.72 -13.70
N ARG A 46 5.48 -12.67 -13.97
CA ARG A 46 4.91 -11.81 -15.00
C ARG A 46 3.50 -11.41 -14.59
N GLY A 47 3.17 -10.15 -14.82
CA GLY A 47 1.84 -9.61 -14.57
C GLY A 47 1.31 -9.01 -15.85
N LYS A 48 0.20 -8.27 -15.77
CA LYS A 48 -0.34 -7.63 -16.98
C LYS A 48 0.50 -6.41 -17.34
N TYR A 49 1.36 -5.94 -16.41
CA TYR A 49 2.16 -4.75 -16.61
C TYR A 49 3.67 -4.99 -16.84
N SER A 50 4.27 -6.08 -16.32
CA SER A 50 5.71 -6.27 -16.56
C SER A 50 6.10 -7.73 -16.43
N GLU A 51 7.35 -8.06 -16.80
CA GLU A 51 7.93 -9.38 -16.59
C GLU A 51 9.11 -9.08 -15.66
N VAL A 52 9.28 -9.87 -14.62
CA VAL A 52 10.31 -9.65 -13.62
C VAL A 52 11.34 -10.75 -13.68
N PHE A 53 12.62 -10.38 -13.68
CA PHE A 53 13.73 -11.32 -13.77
C PHE A 53 14.71 -11.12 -12.69
N GLU A 54 15.31 -12.20 -12.22
CA GLU A 54 16.48 -12.12 -11.37
C GLU A 54 17.65 -11.96 -12.37
N ALA A 55 18.64 -11.11 -12.05
CA ALA A 55 19.75 -10.90 -12.96
C ALA A 55 21.01 -10.64 -12.13
N ILE A 56 22.15 -10.60 -12.79
CA ILE A 56 23.42 -10.27 -12.14
C ILE A 56 23.92 -9.02 -12.82
N ASN A 57 24.40 -8.07 -12.00
CA ASN A 57 25.05 -6.88 -12.48
C ASN A 57 26.52 -7.34 -12.63
N ILE A 58 26.97 -7.55 -13.87
CA ILE A 58 28.33 -8.09 -14.10
C ILE A 58 29.46 -7.09 -13.77
N THR A 59 29.13 -5.80 -13.49
CA THR A 59 30.16 -4.80 -13.12
C THR A 59 30.56 -4.91 -11.63
N ASN A 60 29.79 -5.67 -10.82
CA ASN A 60 30.09 -5.84 -9.38
C ASN A 60 29.69 -7.21 -8.89
N ASN A 61 29.20 -8.07 -9.82
CA ASN A 61 28.73 -9.42 -9.56
C ASN A 61 27.62 -9.45 -8.46
N GLU A 62 26.83 -8.36 -8.35
CA GLU A 62 25.73 -8.35 -7.37
C GLU A 62 24.42 -8.73 -8.07
N LYS A 63 23.53 -9.39 -7.32
CA LYS A 63 22.22 -9.74 -7.85
C LYS A 63 21.37 -8.48 -7.91
N VAL A 64 20.51 -8.39 -8.92
CA VAL A 64 19.55 -7.30 -9.07
C VAL A 64 18.26 -7.96 -9.57
N VAL A 65 17.18 -7.16 -9.65
CA VAL A 65 15.93 -7.61 -10.22
C VAL A 65 15.61 -6.66 -11.35
N VAL A 66 15.25 -7.21 -12.54
CA VAL A 66 14.93 -6.38 -13.69
C VAL A 66 13.43 -6.52 -13.99
N LYS A 67 12.74 -5.38 -14.06
CA LYS A 67 11.33 -5.35 -14.39
C LYS A 67 11.23 -4.76 -15.79
N ILE A 68 10.87 -5.63 -16.75
CA ILE A 68 10.75 -5.25 -18.16
C ILE A 68 9.30 -4.88 -18.39
N LEU A 69 9.08 -3.62 -18.74
CA LEU A 69 7.72 -3.15 -18.95
C LEU A 69 7.08 -3.72 -20.20
N LYS A 70 5.81 -4.10 -20.10
CA LYS A 70 5.06 -4.59 -21.25
C LYS A 70 4.66 -3.38 -22.12
N PRO A 71 4.48 -3.52 -23.46
CA PRO A 71 4.10 -2.36 -24.29
C PRO A 71 2.93 -1.52 -23.78
N VAL A 72 1.96 -2.15 -23.06
CA VAL A 72 0.79 -1.51 -22.46
C VAL A 72 1.16 -0.53 -21.31
N ALA A 73 1.97 -1.00 -20.35
CA ALA A 73 2.39 -0.28 -19.14
C ALA A 73 3.58 0.67 -19.33
N ALA A 74 4.20 0.65 -20.50
CA ALA A 74 5.37 1.49 -20.79
C ALA A 74 5.02 2.99 -20.90
N ALA A 75 3.72 3.32 -21.10
CA ALA A 75 3.19 4.68 -21.26
C ALA A 75 3.37 5.58 -20.03
N LYS A 76 3.08 5.07 -18.82
CA LYS A 76 3.19 5.83 -17.56
C LYS A 76 4.54 5.57 -16.85
N ILE A 77 5.56 5.13 -17.60
CA ILE A 77 6.87 4.80 -17.05
C ILE A 77 7.55 6.00 -16.39
N LYS A 78 7.40 7.23 -16.95
CA LYS A 78 8.07 8.39 -16.37
C LYS A 78 7.51 8.66 -14.96
N ARG A 79 6.23 8.32 -14.71
CA ARG A 79 5.67 8.53 -13.37
C ARG A 79 6.38 7.61 -12.36
N GLU A 80 6.48 6.32 -12.68
CA GLU A 80 7.14 5.36 -11.80
C GLU A 80 8.60 5.70 -11.62
N ILE A 81 9.29 6.07 -12.72
CA ILE A 81 10.69 6.49 -12.64
C ILE A 81 10.90 7.69 -11.71
N LYS A 82 10.13 8.75 -11.95
CA LYS A 82 10.25 9.96 -11.18
C LYS A 82 9.95 9.70 -9.71
N ILE A 83 8.92 8.90 -9.41
CA ILE A 83 8.62 8.58 -8.02
C ILE A 83 9.77 7.81 -7.37
N LEU A 84 10.30 6.80 -8.08
CA LEU A 84 11.40 6.01 -7.54
C LEU A 84 12.66 6.86 -7.33
N GLU A 85 12.96 7.78 -8.28
CA GLU A 85 14.13 8.65 -8.11
C GLU A 85 13.90 9.65 -6.97
N ASN A 86 12.68 10.20 -6.87
CA ASN A 86 12.33 11.13 -5.79
C ASN A 86 12.48 10.52 -4.39
N LEU A 87 12.13 9.25 -4.27
CA LEU A 87 12.14 8.54 -3.01
C LEU A 87 13.42 7.78 -2.69
N ARG A 88 14.35 7.72 -3.67
CA ARG A 88 15.55 6.93 -3.51
C ARG A 88 16.34 7.34 -2.29
N GLY A 89 16.78 6.35 -1.53
CA GLY A 89 17.51 6.63 -0.30
C GLY A 89 16.62 6.79 0.91
N GLY A 90 15.30 6.88 0.72
CA GLY A 90 14.38 6.99 1.83
C GLY A 90 14.27 5.71 2.64
N PRO A 91 13.75 5.86 3.89
N PRO A 91 13.82 5.79 3.92
CA PRO A 91 13.61 4.70 4.78
CA PRO A 91 13.79 4.57 4.75
C PRO A 91 12.80 3.54 4.20
C PRO A 91 12.86 3.52 4.20
N ASN A 92 13.44 2.36 4.01
CA ASN A 92 12.76 1.17 3.54
C ASN A 92 12.09 1.27 2.18
N ILE A 93 12.57 2.20 1.37
CA ILE A 93 12.08 2.34 0.00
C ILE A 93 13.03 1.51 -0.90
N ILE A 94 12.47 0.65 -1.76
CA ILE A 94 13.33 -0.08 -2.70
C ILE A 94 14.19 0.87 -3.53
N THR A 95 15.46 0.51 -3.75
CA THR A 95 16.36 1.34 -4.54
C THR A 95 16.30 0.98 -6.02
N LEU A 96 16.00 1.97 -6.84
CA LEU A 96 16.13 1.88 -8.30
C LEU A 96 17.62 2.06 -8.64
N ALA A 97 18.24 1.00 -9.12
CA ALA A 97 19.67 1.00 -9.45
C ALA A 97 19.97 1.52 -10.86
N ASP A 98 19.07 1.29 -11.82
CA ASP A 98 19.31 1.70 -13.19
C ASP A 98 18.03 1.63 -13.99
N ILE A 99 18.05 2.24 -15.18
CA ILE A 99 16.98 2.23 -16.15
C ILE A 99 17.69 1.94 -17.47
N VAL A 100 17.29 0.86 -18.16
CA VAL A 100 17.93 0.49 -19.44
C VAL A 100 16.84 0.16 -20.45
N LYS A 101 17.19 0.17 -21.74
CA LYS A 101 16.25 -0.17 -22.80
C LYS A 101 16.48 -1.65 -23.08
N ASP A 102 15.46 -2.49 -22.89
CA ASP A 102 15.62 -3.92 -23.11
C ASP A 102 15.78 -4.21 -24.61
N PRO A 103 16.85 -4.97 -24.99
CA PRO A 103 17.10 -5.22 -26.43
C PRO A 103 16.03 -6.04 -27.15
N VAL A 104 15.27 -6.87 -26.43
CA VAL A 104 14.24 -7.74 -26.99
C VAL A 104 12.87 -7.05 -27.07
N SER A 105 12.36 -6.54 -25.94
CA SER A 105 11.06 -5.88 -25.92
C SER A 105 11.07 -4.49 -26.54
N ARG A 106 12.24 -3.81 -26.51
CA ARG A 106 12.45 -2.43 -26.94
C ARG A 106 11.65 -1.47 -26.04
N THR A 107 11.46 -1.89 -24.80
CA THR A 107 10.76 -1.12 -23.78
C THR A 107 11.70 -0.83 -22.62
N PRO A 108 11.32 0.12 -21.73
CA PRO A 108 12.14 0.38 -20.56
C PRO A 108 12.18 -0.81 -19.62
N ALA A 109 13.36 -1.02 -19.04
CA ALA A 109 13.58 -2.05 -18.04
C ALA A 109 14.16 -1.39 -16.78
N LEU A 110 13.43 -1.50 -15.65
CA LEU A 110 13.88 -0.91 -14.39
C LEU A 110 14.69 -1.94 -13.63
N VAL A 111 15.86 -1.54 -13.14
CA VAL A 111 16.75 -2.42 -12.41
C VAL A 111 16.71 -2.03 -10.95
N PHE A 112 16.39 -2.99 -10.10
CA PHE A 112 16.27 -2.76 -8.65
C PHE A 112 17.23 -3.55 -7.85
N GLU A 113 17.52 -2.99 -6.67
CA GLU A 113 18.16 -3.63 -5.56
C GLU A 113 17.48 -5.00 -5.40
N HIS A 114 18.28 -6.08 -5.25
CA HIS A 114 17.73 -7.42 -5.00
C HIS A 114 17.52 -7.56 -3.50
N VAL A 115 16.38 -8.11 -3.10
CA VAL A 115 16.08 -8.42 -1.71
C VAL A 115 16.00 -9.93 -1.64
N ASN A 116 16.75 -10.54 -0.70
CA ASN A 116 16.69 -12.00 -0.51
C ASN A 116 15.53 -12.17 0.45
N ASN A 117 14.31 -12.03 -0.07
CA ASN A 117 13.13 -12.01 0.77
C ASN A 117 12.67 -13.35 1.24
N THR A 118 12.16 -13.35 2.47
CA THR A 118 11.56 -14.51 3.10
C THR A 118 10.24 -14.78 2.40
N ASP A 119 9.91 -16.06 2.14
CA ASP A 119 8.66 -16.45 1.50
C ASP A 119 7.46 -15.78 2.19
N PHE A 120 6.49 -15.25 1.41
CA PHE A 120 5.35 -14.52 1.99
C PHE A 120 4.41 -15.37 2.81
N LYS A 121 4.24 -16.65 2.44
CA LYS A 121 3.39 -17.56 3.22
C LYS A 121 4.10 -17.89 4.53
N GLN A 122 5.45 -18.03 4.50
CA GLN A 122 6.26 -18.27 5.68
C GLN A 122 6.14 -17.08 6.58
N LEU A 123 6.19 -15.86 6.01
CA LEU A 123 6.02 -14.67 6.85
C LEU A 123 4.65 -14.69 7.51
N TYR A 124 3.62 -14.91 6.73
CA TYR A 124 2.25 -14.94 7.29
C TYR A 124 2.13 -15.97 8.45
N GLN A 125 2.69 -17.15 8.24
CA GLN A 125 2.55 -18.25 9.21
C GLN A 125 3.46 -18.21 10.42
N THR A 126 4.61 -17.52 10.33
N THR A 126 4.60 -17.50 10.34
CA THR A 126 5.63 -17.55 11.37
CA THR A 126 5.58 -17.59 11.42
C THR A 126 5.86 -16.28 12.17
C THR A 126 5.97 -16.28 12.12
N LEU A 127 5.60 -15.10 11.58
CA LEU A 127 5.94 -13.86 12.31
C LEU A 127 5.29 -13.86 13.70
N THR A 128 6.06 -13.55 14.73
CA THR A 128 5.51 -13.54 16.08
C THR A 128 4.82 -12.20 16.37
N ASP A 129 4.19 -12.05 17.54
CA ASP A 129 3.59 -10.78 17.96
C ASP A 129 4.64 -9.67 17.91
N TYR A 130 5.82 -9.92 18.49
CA TYR A 130 6.88 -8.93 18.46
C TYR A 130 7.27 -8.58 16.99
N ASP A 131 7.40 -9.59 16.14
CA ASP A 131 7.78 -9.36 14.74
C ASP A 131 6.72 -8.54 14.03
N ILE A 132 5.43 -8.78 14.30
CA ILE A 132 4.41 -7.98 13.58
C ILE A 132 4.56 -6.52 13.98
N ARG A 133 4.77 -6.24 15.27
CA ARG A 133 4.93 -4.86 15.67
C ARG A 133 6.19 -4.25 15.06
N PHE A 134 7.29 -4.98 15.07
CA PHE A 134 8.56 -4.52 14.56
C PHE A 134 8.41 -4.16 13.07
N TYR A 135 7.84 -5.08 12.29
CA TYR A 135 7.73 -4.85 10.84
C TYR A 135 6.66 -3.83 10.47
N MET A 136 5.58 -3.75 11.26
N MET A 136 5.58 -3.77 11.24
CA MET A 136 4.60 -2.69 11.04
CA MET A 136 4.59 -2.74 11.04
C MET A 136 5.25 -1.32 11.27
C MET A 136 5.27 -1.37 11.21
N TYR A 137 6.16 -1.22 12.24
CA TYR A 137 6.86 0.05 12.46
C TYR A 137 7.78 0.37 11.25
N GLU A 138 8.40 -0.64 10.69
CA GLU A 138 9.26 -0.46 9.53
C GLU A 138 8.47 -0.02 8.30
N ILE A 139 7.28 -0.62 8.03
CA ILE A 139 6.49 -0.18 6.88
C ILE A 139 5.97 1.23 7.13
N LEU A 140 5.63 1.56 8.37
CA LEU A 140 5.20 2.92 8.66
C LEU A 140 6.32 3.93 8.33
N LYS A 141 7.56 3.59 8.59
CA LYS A 141 8.65 4.54 8.24
C LYS A 141 8.63 4.82 6.71
N ALA A 142 8.43 3.79 5.89
CA ALA A 142 8.38 3.95 4.43
C ALA A 142 7.16 4.79 4.02
N LEU A 143 5.97 4.49 4.61
CA LEU A 143 4.77 5.22 4.25
C LEU A 143 4.85 6.68 4.69
N ASP A 144 5.29 6.93 5.92
CA ASP A 144 5.40 8.33 6.28
C ASP A 144 6.41 9.03 5.37
N TYR A 145 7.50 8.35 4.99
CA TYR A 145 8.45 9.02 4.12
C TYR A 145 7.80 9.33 2.78
N CYS A 146 7.17 8.35 2.09
N CYS A 146 7.19 8.32 2.17
CA CYS A 146 6.60 8.69 0.77
CA CYS A 146 6.48 8.42 0.91
C CYS A 146 5.43 9.72 0.86
C CYS A 146 5.51 9.60 0.94
N HIS A 147 4.59 9.62 1.91
CA HIS A 147 3.56 10.64 2.07
C HIS A 147 4.18 12.04 2.29
N SER A 148 5.25 12.10 3.09
CA SER A 148 5.92 13.39 3.36
C SER A 148 6.59 13.95 2.13
N MET A 149 6.81 13.08 1.13
CA MET A 149 7.41 13.42 -0.15
C MET A 149 6.30 13.66 -1.19
N GLY A 150 5.06 13.72 -0.76
CA GLY A 150 3.94 14.04 -1.64
C GLY A 150 3.50 12.94 -2.57
N ILE A 151 3.69 11.68 -2.14
CA ILE A 151 3.35 10.53 -2.96
C ILE A 151 2.53 9.53 -2.17
N MET A 152 1.51 8.99 -2.86
CA MET A 152 0.69 7.91 -2.33
C MET A 152 1.12 6.62 -3.05
N HIS A 153 1.27 5.51 -2.33
CA HIS A 153 1.69 4.25 -2.97
C HIS A 153 0.55 3.62 -3.77
N ARG A 154 -0.63 3.52 -3.13
CA ARG A 154 -1.85 3.02 -3.76
C ARG A 154 -1.84 1.51 -4.09
N ASP A 155 -0.88 0.76 -3.58
CA ASP A 155 -0.91 -0.69 -3.79
C ASP A 155 -0.24 -1.38 -2.63
N VAL A 156 -0.60 -0.95 -1.41
CA VAL A 156 -0.04 -1.60 -0.23
C VAL A 156 -0.76 -2.93 -0.04
N LYS A 157 0.03 -4.01 0.06
CA LYS A 157 -0.47 -5.36 0.23
C LYS A 157 0.75 -6.18 0.63
N PRO A 158 0.56 -7.41 1.15
CA PRO A 158 1.71 -8.21 1.61
C PRO A 158 2.78 -8.44 0.55
N HIS A 159 2.39 -8.75 -0.68
CA HIS A 159 3.39 -9.01 -1.72
C HIS A 159 4.20 -7.80 -2.11
N ASN A 160 3.74 -6.58 -1.79
CA ASN A 160 4.52 -5.39 -2.07
C ASN A 160 5.36 -4.93 -0.88
N VAL A 161 5.30 -5.65 0.26
CA VAL A 161 6.07 -5.27 1.45
C VAL A 161 6.99 -6.45 1.73
N MET A 162 8.18 -6.41 1.10
CA MET A 162 9.14 -7.50 1.19
C MET A 162 9.87 -7.48 2.51
N ILE A 163 10.13 -8.67 3.05
CA ILE A 163 10.89 -8.79 4.28
C ILE A 163 11.97 -9.83 4.09
N ASP A 164 13.23 -9.47 4.39
CA ASP A 164 14.34 -10.41 4.47
C ASP A 164 14.47 -10.61 5.98
N HIS A 165 13.82 -11.65 6.44
CA HIS A 165 13.70 -11.92 7.87
C HIS A 165 15.05 -12.11 8.62
N GLU A 166 16.07 -12.68 7.97
CA GLU A 166 17.41 -12.88 8.57
C GLU A 166 18.09 -11.55 8.95
N HIS A 167 17.95 -10.53 8.08
CA HIS A 167 18.57 -9.23 8.32
C HIS A 167 17.61 -8.19 8.85
N ARG A 168 16.39 -8.65 9.18
CA ARG A 168 15.29 -7.83 9.75
C ARG A 168 15.15 -6.54 8.94
N LYS A 169 15.11 -6.77 7.62
CA LYS A 169 15.11 -5.75 6.58
C LYS A 169 13.79 -5.77 5.83
N LEU A 170 13.19 -4.60 5.68
CA LEU A 170 11.92 -4.47 4.98
C LEU A 170 12.09 -3.52 3.83
N ARG A 171 11.40 -3.81 2.71
CA ARG A 171 11.36 -2.89 1.57
C ARG A 171 9.99 -2.80 0.97
N LEU A 172 9.54 -1.57 0.73
CA LEU A 172 8.28 -1.33 0.04
C LEU A 172 8.61 -1.23 -1.47
N ILE A 173 7.98 -2.13 -2.23
CA ILE A 173 8.24 -2.28 -3.66
C ILE A 173 6.99 -1.98 -4.45
N ASP A 174 7.15 -2.10 -5.79
N ASP A 174 7.11 -2.12 -5.79
CA ASP A 174 6.16 -1.91 -6.82
CA ASP A 174 6.03 -2.04 -6.77
C ASP A 174 5.43 -0.61 -6.68
C ASP A 174 5.32 -0.67 -6.78
N TRP A 175 6.06 0.36 -7.24
CA TRP A 175 5.61 1.74 -7.29
C TRP A 175 4.88 2.07 -8.59
N GLY A 176 4.48 1.06 -9.36
CA GLY A 176 3.80 1.27 -10.64
C GLY A 176 2.43 1.92 -10.56
N LEU A 177 1.78 1.85 -9.39
CA LEU A 177 0.50 2.52 -9.21
C LEU A 177 0.61 3.79 -8.37
N ALA A 178 1.80 4.15 -7.92
CA ALA A 178 1.97 5.30 -7.05
C ALA A 178 1.71 6.59 -7.81
N GLU A 179 1.28 7.62 -7.09
CA GLU A 179 0.95 8.87 -7.71
C GLU A 179 1.26 10.03 -6.79
N PHE A 180 1.50 11.18 -7.40
CA PHE A 180 1.69 12.42 -6.66
C PHE A 180 0.35 12.93 -6.15
N TYR A 181 0.32 13.34 -4.87
CA TYR A 181 -0.87 13.89 -4.26
C TYR A 181 -0.93 15.41 -4.52
N HIS A 182 -2.03 15.84 -5.12
CA HIS A 182 -2.28 17.26 -5.41
C HIS A 182 -3.66 17.54 -4.86
N PRO A 183 -3.81 18.46 -3.88
CA PRO A 183 -5.13 18.74 -3.32
C PRO A 183 -6.14 19.10 -4.41
N GLY A 184 -7.30 18.49 -4.26
CA GLY A 184 -8.42 18.73 -5.18
C GLY A 184 -8.39 17.86 -6.41
N GLN A 185 -7.32 17.06 -6.60
CA GLN A 185 -7.27 16.20 -7.77
C GLN A 185 -8.21 14.98 -7.63
N GLU A 186 -8.89 14.64 -8.72
CA GLU A 186 -9.72 13.45 -8.74
C GLU A 186 -8.91 12.34 -9.38
N TYR A 187 -8.72 11.27 -8.64
CA TYR A 187 -7.90 10.15 -9.05
C TYR A 187 -8.72 8.99 -9.53
N ASN A 188 -8.06 8.08 -10.24
CA ASN A 188 -8.72 6.86 -10.70
C ASN A 188 -8.94 5.96 -9.46
N VAL A 189 -10.14 5.42 -9.30
CA VAL A 189 -10.42 4.54 -8.15
C VAL A 189 -9.99 3.11 -8.42
N ARG A 190 -9.53 2.78 -9.66
CA ARG A 190 -9.12 1.44 -10.02
C ARG A 190 -7.65 1.24 -9.66
N VAL A 191 -7.39 1.29 -8.36
CA VAL A 191 -6.05 1.12 -7.82
C VAL A 191 -6.17 0.14 -6.68
N ALA A 192 -5.00 -0.24 -6.12
CA ALA A 192 -4.88 -1.24 -5.06
C ALA A 192 -5.53 -2.58 -5.47
N SER A 193 -5.21 -3.60 -4.73
N SER A 193 -5.19 -3.61 -4.73
CA SER A 193 -5.76 -4.90 -5.03
CA SER A 193 -5.73 -4.95 -4.96
C SER A 193 -7.04 -5.09 -4.23
C SER A 193 -7.08 -5.03 -4.26
N ARG A 194 -8.01 -5.87 -4.77
CA ARG A 194 -9.36 -5.98 -4.20
C ARG A 194 -9.46 -5.96 -2.67
N TYR A 195 -8.75 -6.89 -2.02
CA TYR A 195 -8.92 -7.04 -0.58
C TYR A 195 -8.39 -5.86 0.22
N PHE A 196 -7.58 -5.01 -0.40
CA PHE A 196 -6.90 -3.88 0.22
C PHE A 196 -7.47 -2.56 -0.22
N LYS A 197 -8.56 -2.57 -1.02
CA LYS A 197 -9.17 -1.32 -1.49
C LYS A 197 -9.92 -0.64 -0.34
N GLY A 198 -9.69 0.66 -0.20
CA GLY A 198 -10.41 1.44 0.80
C GLY A 198 -11.84 1.70 0.38
N PRO A 199 -12.71 1.96 1.36
CA PRO A 199 -14.11 2.29 1.07
C PRO A 199 -14.25 3.44 0.08
N GLU A 200 -13.31 4.42 0.12
CA GLU A 200 -13.37 5.52 -0.85
C GLU A 200 -13.35 4.99 -2.31
N LEU A 201 -12.52 3.98 -2.57
CA LEU A 201 -12.47 3.45 -3.92
C LEU A 201 -13.77 2.69 -4.23
N LEU A 202 -14.26 1.94 -3.25
CA LEU A 202 -15.42 1.08 -3.42
C LEU A 202 -16.71 1.83 -3.62
N VAL A 203 -16.82 3.04 -3.07
CA VAL A 203 -17.99 3.89 -3.27
C VAL A 203 -17.77 4.90 -4.38
N ASP A 204 -16.64 4.81 -5.10
CA ASP A 204 -16.32 5.68 -6.25
C ASP A 204 -16.12 7.14 -5.85
N TYR A 205 -15.40 7.38 -4.76
CA TYR A 205 -15.03 8.72 -4.31
C TYR A 205 -13.60 8.99 -4.78
N GLN A 206 -13.44 9.89 -5.76
CA GLN A 206 -12.15 10.08 -6.43
C GLN A 206 -11.18 11.03 -5.73
N MET A 207 -11.65 11.86 -4.82
CA MET A 207 -10.77 12.90 -4.25
C MET A 207 -10.07 12.37 -2.99
N TYR A 208 -9.39 11.22 -3.13
CA TYR A 208 -8.76 10.56 -1.99
C TYR A 208 -7.30 10.99 -1.85
N ASP A 209 -6.60 10.43 -0.86
CA ASP A 209 -5.26 10.90 -0.54
C ASP A 209 -4.41 9.79 0.08
N TYR A 210 -3.29 10.15 0.73
CA TYR A 210 -2.37 9.23 1.41
C TYR A 210 -3.09 8.24 2.31
N SER A 211 -4.22 8.68 2.89
CA SER A 211 -4.97 7.86 3.85
C SER A 211 -5.48 6.54 3.25
N LEU A 212 -5.57 6.45 1.92
CA LEU A 212 -5.90 5.17 1.28
C LEU A 212 -4.86 4.10 1.75
N ASP A 213 -3.57 4.48 1.76
CA ASP A 213 -2.54 3.51 2.12
C ASP A 213 -2.68 3.02 3.56
N MET A 214 -3.25 3.85 4.43
CA MET A 214 -3.46 3.49 5.83
C MET A 214 -4.59 2.48 6.00
N TRP A 215 -5.64 2.59 5.18
CA TRP A 215 -6.66 1.51 5.15
C TRP A 215 -6.00 0.19 4.72
N SER A 216 -5.23 0.24 3.60
CA SER A 216 -4.62 -1.00 3.11
C SER A 216 -3.71 -1.62 4.16
N LEU A 217 -2.96 -0.76 4.88
CA LEU A 217 -2.12 -1.26 5.95
C LEU A 217 -2.94 -1.91 7.06
N GLY A 218 -4.08 -1.30 7.40
CA GLY A 218 -4.99 -1.89 8.38
C GLY A 218 -5.47 -3.27 7.95
N CYS A 219 -5.76 -3.46 6.66
CA CYS A 219 -6.19 -4.76 6.16
C CYS A 219 -5.09 -5.81 6.37
N MET A 220 -3.82 -5.40 6.13
CA MET A 220 -2.71 -6.32 6.38
C MET A 220 -2.62 -6.64 7.87
N LEU A 221 -2.70 -5.63 8.73
CA LEU A 221 -2.62 -5.87 10.16
C LEU A 221 -3.73 -6.82 10.63
N ALA A 222 -4.97 -6.57 10.22
CA ALA A 222 -6.09 -7.42 10.64
C ALA A 222 -5.85 -8.88 10.21
N SER A 223 -5.43 -9.07 8.97
N SER A 223 -5.39 -9.07 8.95
CA SER A 223 -5.17 -10.45 8.51
CA SER A 223 -5.11 -10.41 8.41
C SER A 223 -4.08 -11.11 9.41
C SER A 223 -4.02 -11.15 9.20
N MET A 224 -2.99 -10.40 9.66
CA MET A 224 -1.89 -10.94 10.45
C MET A 224 -2.31 -11.27 11.89
N ILE A 225 -2.95 -10.35 12.60
CA ILE A 225 -3.26 -10.61 14.00
C ILE A 225 -4.41 -11.58 14.19
N PHE A 226 -5.39 -11.59 13.26
CA PHE A 226 -6.53 -12.49 13.39
C PHE A 226 -6.35 -13.81 12.69
N ARG A 227 -5.25 -13.96 11.92
CA ARG A 227 -5.00 -15.24 11.20
C ARG A 227 -6.13 -15.50 10.22
N LYS A 228 -6.47 -14.49 9.41
CA LYS A 228 -7.55 -14.62 8.46
C LYS A 228 -7.08 -13.97 7.16
N GLU A 229 -6.92 -14.76 6.11
CA GLU A 229 -6.35 -14.30 4.88
C GLU A 229 -7.33 -14.43 3.73
N PRO A 230 -7.79 -13.32 3.13
CA PRO A 230 -7.61 -11.93 3.57
C PRO A 230 -8.64 -11.64 4.67
N PHE A 231 -8.54 -10.48 5.32
CA PHE A 231 -9.48 -10.20 6.36
C PHE A 231 -10.88 -9.91 5.76
N PHE A 232 -10.93 -9.06 4.72
CA PHE A 232 -12.19 -8.73 4.06
C PHE A 232 -12.17 -9.43 2.71
N HIS A 233 -12.89 -10.56 2.65
CA HIS A 233 -12.80 -11.49 1.53
C HIS A 233 -13.92 -11.30 0.50
N GLY A 234 -13.88 -10.19 -0.22
CA GLY A 234 -14.89 -9.92 -1.22
C GLY A 234 -14.77 -10.79 -2.46
N HIS A 235 -15.94 -11.15 -3.01
CA HIS A 235 -15.99 -11.93 -4.26
C HIS A 235 -15.69 -11.03 -5.49
N ASP A 236 -15.97 -9.73 -5.36
CA ASP A 236 -15.77 -8.73 -6.40
C ASP A 236 -15.75 -7.37 -5.70
N ASN A 237 -15.68 -6.27 -6.45
CA ASN A 237 -15.53 -4.94 -5.78
C ASN A 237 -16.80 -4.58 -5.00
N TYR A 238 -17.96 -5.08 -5.41
CA TYR A 238 -19.23 -4.75 -4.71
C TYR A 238 -19.31 -5.56 -3.41
N ASP A 239 -19.09 -6.87 -3.52
CA ASP A 239 -19.12 -7.73 -2.32
C ASP A 239 -18.02 -7.29 -1.34
N GLN A 240 -16.94 -6.70 -1.84
CA GLN A 240 -15.85 -6.22 -0.97
C GLN A 240 -16.41 -5.21 0.04
N LEU A 241 -17.24 -4.27 -0.44
CA LEU A 241 -17.84 -3.30 0.46
C LEU A 241 -18.81 -3.96 1.45
N VAL A 242 -19.56 -4.99 0.98
CA VAL A 242 -20.46 -5.70 1.86
C VAL A 242 -19.66 -6.38 2.98
N ARG A 243 -18.52 -7.02 2.66
CA ARG A 243 -17.69 -7.69 3.65
C ARG A 243 -17.22 -6.70 4.71
N ILE A 244 -16.84 -5.51 4.26
CA ILE A 244 -16.44 -4.46 5.20
C ILE A 244 -17.61 -4.05 6.09
N ALA A 245 -18.79 -3.89 5.47
CA ALA A 245 -19.97 -3.44 6.20
C ALA A 245 -20.44 -4.45 7.26
N LYS A 246 -20.17 -5.73 7.01
CA LYS A 246 -20.49 -6.75 8.00
C LYS A 246 -19.64 -6.66 9.27
N VAL A 247 -18.50 -5.98 9.18
CA VAL A 247 -17.62 -5.76 10.33
C VAL A 247 -17.82 -4.37 10.93
N LEU A 248 -17.73 -3.34 10.10
CA LEU A 248 -17.80 -1.95 10.59
C LEU A 248 -19.22 -1.42 10.73
N GLY A 249 -20.21 -2.14 10.16
CA GLY A 249 -21.58 -1.71 10.22
C GLY A 249 -22.01 -0.82 9.08
N THR A 250 -23.31 -0.83 8.78
CA THR A 250 -23.85 -0.01 7.71
C THR A 250 -24.15 1.44 8.13
N GLU A 251 -24.45 1.69 9.40
CA GLU A 251 -24.76 3.07 9.83
C GLU A 251 -23.60 4.03 9.60
N ASP A 252 -22.38 3.61 9.97
CA ASP A 252 -21.23 4.48 9.77
C ASP A 252 -20.91 4.61 8.28
N LEU A 253 -21.26 3.61 7.48
CA LEU A 253 -21.08 3.68 6.03
C LEU A 253 -22.01 4.74 5.43
N TYR A 254 -23.29 4.71 5.84
CA TYR A 254 -24.23 5.70 5.33
C TYR A 254 -23.88 7.10 5.83
N ASP A 255 -23.34 7.23 7.06
CA ASP A 255 -22.92 8.56 7.49
C ASP A 255 -21.73 9.07 6.65
N TYR A 256 -20.80 8.19 6.30
CA TYR A 256 -19.68 8.53 5.41
C TYR A 256 -20.16 9.03 4.05
N ILE A 257 -21.03 8.28 3.38
N ILE A 257 -21.12 8.28 3.44
CA ILE A 257 -21.51 8.73 2.07
CA ILE A 257 -21.76 8.62 2.15
C ILE A 257 -22.42 9.99 2.18
C ILE A 257 -22.41 9.99 2.24
N ASP A 258 -23.12 10.19 3.33
CA ASP A 258 -23.88 11.44 3.57
C ASP A 258 -22.89 12.63 3.69
N LYS A 259 -21.86 12.48 4.50
CA LYS A 259 -20.87 13.55 4.69
C LYS A 259 -20.26 14.00 3.40
N TYR A 260 -19.83 13.07 2.56
CA TYR A 260 -19.18 13.44 1.33
C TYR A 260 -20.14 13.63 0.18
N ASN A 261 -21.46 13.56 0.47
CA ASN A 261 -22.50 13.77 -0.55
C ASN A 261 -22.31 12.84 -1.76
N ILE A 262 -21.97 11.59 -1.45
CA ILE A 262 -21.67 10.57 -2.49
C ILE A 262 -22.97 9.93 -3.01
N GLU A 263 -23.04 9.69 -4.32
CA GLU A 263 -24.18 8.95 -4.92
C GLU A 263 -23.76 7.48 -4.95
N LEU A 264 -24.26 6.68 -4.01
CA LEU A 264 -23.85 5.26 -3.94
C LEU A 264 -24.49 4.46 -5.07
N ASP A 265 -23.69 3.62 -5.75
CA ASP A 265 -24.22 2.78 -6.86
C ASP A 265 -25.50 2.07 -6.41
N PRO A 266 -26.64 2.22 -7.12
CA PRO A 266 -27.88 1.59 -6.67
C PRO A 266 -27.78 0.05 -6.62
N ARG A 267 -26.76 -0.52 -7.26
CA ARG A 267 -26.59 -2.00 -7.18
C ARG A 267 -26.33 -2.43 -5.72
N PHE A 268 -25.93 -1.49 -4.85
CA PHE A 268 -25.67 -1.83 -3.43
C PHE A 268 -26.98 -1.95 -2.64
N ASN A 269 -28.09 -1.42 -3.17
CA ASN A 269 -29.35 -1.38 -2.38
C ASN A 269 -29.82 -2.79 -2.03
N ASP A 270 -29.58 -3.76 -2.91
CA ASP A 270 -30.10 -5.13 -2.69
C ASP A 270 -29.06 -6.04 -2.01
N ILE A 271 -27.85 -5.56 -1.72
CA ILE A 271 -26.80 -6.47 -1.18
C ILE A 271 -26.13 -6.01 0.12
N LEU A 272 -26.23 -4.73 0.47
N LEU A 272 -26.23 -4.72 0.47
CA LEU A 272 -25.54 -4.23 1.67
CA LEU A 272 -25.53 -4.24 1.69
C LEU A 272 -26.22 -4.77 2.93
C LEU A 272 -26.22 -4.78 2.94
N GLY A 273 -27.57 -4.81 2.96
CA GLY A 273 -28.30 -5.22 4.17
C GLY A 273 -28.15 -4.20 5.29
N ARG A 274 -28.43 -4.62 6.52
CA ARG A 274 -28.29 -3.79 7.72
C ARG A 274 -27.44 -4.53 8.70
N HIS A 275 -26.30 -3.92 9.09
CA HIS A 275 -25.37 -4.59 9.98
C HIS A 275 -24.89 -3.65 11.01
N SER A 276 -24.69 -4.16 12.21
N SER A 276 -24.69 -4.17 12.24
CA SER A 276 -24.14 -3.31 13.22
CA SER A 276 -24.17 -3.38 13.33
C SER A 276 -22.63 -3.56 13.18
C SER A 276 -22.68 -3.69 13.47
N ARG A 277 -21.91 -2.62 13.82
CA ARG A 277 -20.46 -2.85 14.00
C ARG A 277 -20.23 -4.01 14.95
N LYS A 278 -19.23 -4.84 14.63
CA LYS A 278 -18.87 -5.97 15.52
C LYS A 278 -17.68 -5.53 16.37
N ARG A 279 -17.72 -5.85 17.66
CA ARG A 279 -16.55 -5.54 18.50
C ARG A 279 -15.37 -6.40 18.03
N TRP A 280 -14.15 -5.86 18.10
CA TRP A 280 -12.98 -6.59 17.55
C TRP A 280 -12.79 -7.95 18.24
N GLU A 281 -13.26 -8.10 19.47
CA GLU A 281 -13.10 -9.39 20.20
C GLU A 281 -13.87 -10.50 19.47
N ARG A 282 -14.85 -10.13 18.65
CA ARG A 282 -15.60 -11.13 17.84
C ARG A 282 -14.64 -11.97 17.02
N PHE A 283 -13.48 -11.42 16.65
CA PHE A 283 -12.57 -12.14 15.71
C PHE A 283 -11.44 -12.87 16.44
N VAL A 284 -11.41 -12.77 17.76
CA VAL A 284 -10.35 -13.44 18.57
C VAL A 284 -10.73 -14.89 18.84
N HIS A 285 -9.77 -15.80 18.73
CA HIS A 285 -10.02 -17.23 19.02
C HIS A 285 -8.70 -17.86 19.50
N SER A 286 -8.74 -19.09 19.94
N SER A 286 -8.75 -19.11 19.91
N SER A 286 -8.75 -19.12 19.86
CA SER A 286 -7.56 -19.73 20.53
CA SER A 286 -7.57 -19.78 20.46
CA SER A 286 -7.60 -19.76 20.44
C SER A 286 -6.33 -19.81 19.58
C SER A 286 -6.34 -19.79 19.56
C SER A 286 -6.36 -19.69 19.57
N GLU A 287 -6.55 -19.79 18.26
CA GLU A 287 -5.46 -19.83 17.28
C GLU A 287 -4.86 -18.46 16.94
N ASN A 288 -5.48 -17.35 17.34
CA ASN A 288 -4.86 -16.03 17.06
C ASN A 288 -4.61 -15.25 18.35
N GLN A 289 -5.05 -15.75 19.53
N GLN A 289 -4.98 -15.82 19.51
CA GLN A 289 -4.93 -14.93 20.74
CA GLN A 289 -4.88 -15.13 20.78
C GLN A 289 -3.48 -14.51 21.06
C GLN A 289 -3.49 -14.56 21.03
N HIS A 290 -2.47 -15.32 20.66
CA HIS A 290 -1.05 -14.97 20.86
C HIS A 290 -0.62 -13.69 20.12
N LEU A 291 -1.40 -13.26 19.13
CA LEU A 291 -1.10 -12.07 18.33
C LEU A 291 -1.97 -10.86 18.67
N VAL A 292 -2.94 -11.04 19.54
CA VAL A 292 -3.89 -10.01 19.86
C VAL A 292 -3.59 -9.43 21.23
N SER A 293 -3.75 -8.12 21.37
CA SER A 293 -3.59 -7.39 22.62
C SER A 293 -4.57 -6.23 22.57
N PRO A 294 -4.87 -5.59 23.70
CA PRO A 294 -5.72 -4.40 23.66
C PRO A 294 -5.10 -3.29 22.77
N GLU A 295 -3.77 -3.16 22.79
CA GLU A 295 -3.09 -2.12 21.98
C GLU A 295 -3.20 -2.46 20.50
N ALA A 296 -3.08 -3.74 20.11
CA ALA A 296 -3.26 -4.08 18.70
C ALA A 296 -4.67 -3.74 18.23
N LEU A 297 -5.70 -4.07 19.06
CA LEU A 297 -7.06 -3.78 18.69
C LEU A 297 -7.34 -2.32 18.58
N ASP A 298 -6.82 -1.53 19.51
CA ASP A 298 -7.05 -0.11 19.44
C ASP A 298 -6.39 0.50 18.18
N PHE A 299 -5.17 0.08 17.88
CA PHE A 299 -4.45 0.55 16.70
C PHE A 299 -5.23 0.20 15.45
N LEU A 300 -5.60 -1.08 15.34
CA LEU A 300 -6.38 -1.50 14.17
C LEU A 300 -7.67 -0.70 14.01
N ASP A 301 -8.35 -0.46 15.11
CA ASP A 301 -9.61 0.26 15.12
C ASP A 301 -9.45 1.67 14.52
N LYS A 302 -8.28 2.28 14.74
CA LYS A 302 -7.96 3.63 14.28
C LYS A 302 -7.48 3.68 12.84
N LEU A 303 -7.19 2.51 12.21
CA LEU A 303 -6.83 2.45 10.80
C LEU A 303 -8.07 2.17 9.96
N LEU A 304 -8.87 1.16 10.40
CA LEU A 304 -10.00 0.69 9.63
C LEU A 304 -11.25 1.50 9.90
N ARG A 305 -11.27 2.72 9.37
CA ARG A 305 -12.38 3.64 9.46
C ARG A 305 -12.86 3.99 8.08
N TYR A 306 -14.21 4.07 7.92
CA TYR A 306 -14.72 4.45 6.60
C TYR A 306 -14.20 5.82 6.19
N ASP A 307 -14.34 6.81 7.09
CA ASP A 307 -13.96 8.18 6.73
C ASP A 307 -12.44 8.28 6.65
N HIS A 308 -11.95 8.40 5.45
CA HIS A 308 -10.51 8.51 5.20
C HIS A 308 -9.83 9.62 5.97
N GLN A 309 -10.56 10.72 6.26
CA GLN A 309 -9.99 11.82 7.02
C GLN A 309 -9.81 11.49 8.50
N SER A 310 -10.46 10.42 8.98
N SER A 310 -10.46 10.42 8.98
CA SER A 310 -10.45 10.05 10.39
CA SER A 310 -10.46 10.05 10.40
C SER A 310 -9.36 9.08 10.76
C SER A 310 -9.47 8.97 10.76
N ARG A 311 -8.77 8.40 9.76
CA ARG A 311 -7.78 7.39 10.02
C ARG A 311 -6.51 7.98 10.58
N LEU A 312 -5.76 7.19 11.35
CA LEU A 312 -4.43 7.67 11.75
C LEU A 312 -3.57 7.93 10.54
N THR A 313 -2.73 8.97 10.59
CA THR A 313 -1.70 9.15 9.58
C THR A 313 -0.54 8.21 9.93
N ALA A 314 0.43 8.05 9.00
CA ALA A 314 1.54 7.14 9.31
C ALA A 314 2.34 7.64 10.52
N ARG A 315 2.54 8.96 10.63
CA ARG A 315 3.30 9.50 11.74
C ARG A 315 2.50 9.33 13.05
N GLU A 316 1.17 9.57 13.03
CA GLU A 316 0.38 9.30 14.25
C GLU A 316 0.44 7.80 14.61
N ALA A 317 0.35 6.92 13.62
CA ALA A 317 0.44 5.48 13.89
C ALA A 317 1.72 5.13 14.63
N MET A 318 2.86 5.76 14.25
CA MET A 318 4.14 5.45 14.87
C MET A 318 4.19 5.81 16.37
N GLU A 319 3.30 6.71 16.78
CA GLU A 319 3.16 7.16 18.17
C GLU A 319 2.32 6.18 18.99
N HIS A 320 1.68 5.20 18.36
CA HIS A 320 0.72 4.38 19.11
C HIS A 320 1.39 3.44 20.13
N PRO A 321 0.71 3.23 21.29
CA PRO A 321 1.19 2.25 22.28
C PRO A 321 1.53 0.85 21.77
N TYR A 322 0.93 0.40 20.67
CA TYR A 322 1.28 -0.91 20.13
C TYR A 322 2.80 -1.04 19.86
N PHE A 323 3.46 0.09 19.57
CA PHE A 323 4.87 0.08 19.26
C PHE A 323 5.78 0.33 20.46
N TYR A 324 5.23 0.56 21.66
CA TYR A 324 6.10 0.84 22.79
C TYR A 324 7.08 -0.29 23.08
N THR A 325 6.72 -1.54 22.83
N THR A 325 6.67 -1.55 22.82
CA THR A 325 7.61 -2.66 23.11
CA THR A 325 7.48 -2.75 23.07
C THR A 325 8.73 -2.82 22.08
C THR A 325 8.58 -2.95 22.02
N VAL A 326 8.54 -2.20 20.88
CA VAL A 326 9.55 -2.35 19.83
C VAL A 326 10.79 -1.59 20.18
N VAL A 327 11.95 -2.25 20.13
CA VAL A 327 13.24 -1.60 20.39
C VAL A 327 13.51 -0.56 19.32
N LYS A 328 13.81 0.67 19.74
CA LYS A 328 14.15 1.78 18.84
C LYS A 328 15.55 2.31 19.18
PG ATP B . 1.17 -9.96 -7.39
O1G ATP B . 0.11 -10.45 -8.39
O2G ATP B . 0.94 -10.52 -5.99
O3G ATP B . 1.26 -8.42 -7.35
PB ATP B . 3.94 -11.00 -7.18
O1B ATP B . 4.39 -10.00 -6.19
O2B ATP B . 3.76 -12.41 -6.60
O3B ATP B . 2.60 -10.51 -7.87
PA ATP B . 5.58 -10.02 -9.42
O1A ATP B . 5.20 -8.64 -9.06
O2A ATP B . 5.09 -10.42 -10.82
O3A ATP B . 4.97 -11.09 -8.40
O5' ATP B . 7.17 -10.23 -9.37
C5' ATP B . 7.74 -11.55 -9.59
C4' ATP B . 8.60 -11.91 -8.40
O4' ATP B . 9.67 -10.96 -8.27
C3' ATP B . 7.90 -11.99 -7.04
O3' ATP B . 8.23 -13.23 -6.44
C2' ATP B . 8.50 -10.80 -6.27
O2' ATP B . 8.58 -11.04 -4.87
C1' ATP B . 9.89 -10.72 -6.90
N9 ATP B . 10.58 -9.45 -6.73
C8 ATP B . 10.17 -8.19 -7.11
N7 ATP B . 11.00 -7.24 -6.78
C5 ATP B . 12.04 -7.90 -6.13
C6 ATP B . 13.23 -7.45 -5.53
N6 ATP B . 13.63 -6.17 -5.53
N1 ATP B . 14.05 -8.38 -4.97
C2 ATP B . 13.69 -9.67 -5.03
N3 ATP B . 12.60 -10.21 -5.59
C4 ATP B . 11.80 -9.27 -6.11
C ACT C . 17.79 -6.37 -19.91
O ACT C . 16.65 -5.90 -19.99
OXT ACT C . 18.27 -7.22 -20.72
CH3 ACT C . 18.64 -5.87 -18.72
C ACT D . 0.36 -9.89 23.60
O ACT D . 0.07 -10.52 22.54
OXT ACT D . 1.51 -9.42 23.93
CH3 ACT D . -0.80 -9.73 24.62
C4 LW3 E . 2.84 -11.70 5.32
C5 LW3 E . 1.42 -11.37 5.30
C6 LW3 E . 3.81 -9.34 5.96
C7 LW3 E . 3.48 -9.06 7.29
C8 LW3 E . 3.82 -7.83 7.85
N1 LW3 E . 4.16 -10.15 3.89
N2 LW3 E . 0.35 -11.00 5.33
BR LW3 E . 3.48 -7.57 9.69
C LW3 E . 4.47 -6.87 7.08
CL LW3 E . 4.82 -5.32 7.71
C2 LW3 E . 4.51 -8.36 5.22
C1 LW3 E . 4.84 -7.13 5.77
C3 LW3 E . 3.61 -10.44 5.04
N LW3 E . 4.70 -8.90 3.99
P PO4 F . -3.56 5.18 -13.08
O1 PO4 F . -4.87 4.32 -13.39
O2 PO4 F . -3.82 6.14 -11.83
O3 PO4 F . -3.16 6.11 -14.33
O4 PO4 F . -2.38 4.21 -12.73
#